data_4E34
#
_entry.id   4E34
#
_cell.length_a   35.878
_cell.length_b   47.709
_cell.length_c   97.301
_cell.angle_alpha   90.00
_cell.angle_beta   90.00
_cell.angle_gamma   90.00
#
_symmetry.space_group_name_H-M   'P 21 21 21'
#
loop_
_entity.id
_entity.type
_entity.pdbx_description
1 polymer 'Golgi-associated PDZ and coiled-coil motif-containing protein'
2 polymer 'decameric peptide, iCAL36'
3 non-polymer GLYCEROL
4 water water
#
loop_
_entity_poly.entity_id
_entity_poly.type
_entity_poly.pdbx_seq_one_letter_code
_entity_poly.pdbx_strand_id
1 'polypeptide(L)'
;GPIRKVLLLKEDHEGLGISITGGKEHGVPILISEIHPGQPADRCGGLHVGDAILAVNGVNLRDTKHKEAVTILSQQRGEI
EFEVVYV
;
A,B
2 'polypeptide(L)' ANSRWPTSII C,D
#
loop_
_chem_comp.id
_chem_comp.type
_chem_comp.name
_chem_comp.formula
GOL non-polymer GLYCEROL 'C3 H8 O3'
#
# COMPACT_ATOMS: atom_id res chain seq x y z
N GLY A 1 -18.03 21.07 -5.54
CA GLY A 1 -18.15 21.76 -4.29
C GLY A 1 -16.96 22.66 -4.04
N PRO A 2 -16.86 23.24 -2.84
CA PRO A 2 -15.74 24.14 -2.53
C PRO A 2 -14.47 23.34 -2.35
N ILE A 3 -13.34 23.90 -2.76
CA ILE A 3 -12.07 23.28 -2.44
C ILE A 3 -11.85 23.40 -0.92
N ARG A 4 -11.42 22.30 -0.30
CA ARG A 4 -11.17 22.26 1.15
C ARG A 4 -9.74 21.89 1.45
N LYS A 5 -9.21 22.41 2.56
CA LYS A 5 -7.94 21.96 3.10
C LYS A 5 -8.25 21.14 4.34
N VAL A 6 -7.68 19.94 4.42
CA VAL A 6 -8.00 18.99 5.48
C VAL A 6 -6.70 18.45 6.06
N LEU A 7 -6.61 18.40 7.38
CA LEU A 7 -5.45 17.84 8.07
C LEU A 7 -5.69 16.40 8.50
N LEU A 8 -4.72 15.52 8.25
CA LEU A 8 -4.77 14.13 8.67
C LEU A 8 -3.54 13.81 9.50
N LEU A 9 -3.73 13.13 10.62
CA LEU A 9 -2.64 12.69 11.47
C LEU A 9 -2.49 11.17 11.37
N LYS A 10 -1.31 10.74 10.98
CA LYS A 10 -1.01 9.33 10.70
C LYS A 10 0.17 8.91 11.57
N GLU A 11 0.07 7.74 12.18
CA GLU A 11 1.22 7.17 12.85
C GLU A 11 2.02 6.32 11.85
N ASP A 12 3.28 6.03 12.16
CA ASP A 12 4.16 5.40 11.18
C ASP A 12 3.83 3.94 10.86
N HIS A 13 3.07 3.29 11.74
CA HIS A 13 2.68 1.89 11.55
C HIS A 13 1.40 1.73 10.72
N GLU A 14 0.82 2.86 10.31
CA GLU A 14 -0.47 2.86 9.61
C GLU A 14 -0.34 3.33 8.18
N GLY A 15 -1.33 2.95 7.36
CA GLY A 15 -1.55 3.62 6.09
C GLY A 15 -2.49 4.81 6.25
N LEU A 16 -2.90 5.37 5.12
CA LEU A 16 -3.82 6.51 5.17
C LEU A 16 -5.24 6.08 5.53
N GLY A 17 -5.62 4.87 5.15
CA GLY A 17 -6.97 4.39 5.40
C GLY A 17 -7.95 4.80 4.32
N ILE A 18 -7.48 4.87 3.08
CA ILE A 18 -8.37 5.15 1.97
C ILE A 18 -8.08 4.22 0.82
N SER A 19 -9.08 4.07 -0.06
CA SER A 19 -8.81 3.50 -1.36
C SER A 19 -8.96 4.62 -2.35
N ILE A 20 -8.08 4.63 -3.34
CA ILE A 20 -8.18 5.60 -4.44
C ILE A 20 -8.38 4.91 -5.78
N THR A 21 -9.07 5.61 -6.67
CA THR A 21 -9.24 5.15 -8.02
C THR A 21 -8.98 6.34 -8.94
N GLY A 22 -9.01 6.10 -10.24
CA GLY A 22 -8.78 7.16 -11.19
C GLY A 22 -7.32 7.45 -11.47
N GLY A 23 -7.05 8.63 -12.02
CA GLY A 23 -5.73 9.00 -12.44
C GLY A 23 -5.70 9.51 -13.87
N LYS A 24 -4.65 10.28 -14.19
CA LYS A 24 -4.57 10.96 -15.47
C LYS A 24 -4.77 10.04 -16.66
N GLU A 25 -4.24 8.83 -16.58
CA GLU A 25 -4.30 7.94 -17.74
C GLU A 25 -5.73 7.48 -18.01
N HIS A 26 -6.62 7.71 -17.05
CA HIS A 26 -8.04 7.37 -17.17
C HIS A 26 -8.92 8.59 -17.41
N GLY A 27 -8.29 9.76 -17.51
CA GLY A 27 -9.01 10.99 -17.74
C GLY A 27 -9.81 11.51 -16.56
N VAL A 28 -9.47 11.05 -15.36
CA VAL A 28 -10.19 11.50 -14.17
C VAL A 28 -9.21 11.75 -13.04
N PRO A 29 -9.64 12.53 -12.04
CA PRO A 29 -8.76 12.84 -10.91
C PRO A 29 -8.49 11.60 -10.07
N ILE A 30 -7.55 11.75 -9.14
CA ILE A 30 -7.40 10.78 -8.09
C ILE A 30 -8.61 10.93 -7.16
N LEU A 31 -9.44 9.90 -7.10
CA LEU A 31 -10.70 9.95 -6.36
C LEU A 31 -10.68 8.97 -5.18
N ILE A 32 -11.19 9.43 -4.05
CA ILE A 32 -11.34 8.53 -2.92
C ILE A 32 -12.57 7.66 -3.15
N SER A 33 -12.37 6.35 -3.15
CA SER A 33 -13.48 5.42 -3.33
C SER A 33 -13.88 4.71 -2.06
N GLU A 34 -12.98 4.69 -1.07
N GLU A 34 -13.00 4.71 -1.06
CA GLU A 34 -13.29 4.12 0.25
CA GLU A 34 -13.29 4.12 0.25
C GLU A 34 -12.63 4.96 1.34
C GLU A 34 -12.61 4.89 1.37
N ILE A 35 -13.33 5.06 2.47
CA ILE A 35 -12.74 5.56 3.71
C ILE A 35 -12.82 4.39 4.69
N HIS A 36 -11.70 3.80 5.06
CA HIS A 36 -11.74 2.60 5.88
C HIS A 36 -11.98 2.92 7.35
N PRO A 37 -12.94 2.23 7.98
CA PRO A 37 -13.36 2.64 9.32
C PRO A 37 -12.25 2.55 10.34
N GLY A 38 -12.11 3.60 11.13
CA GLY A 38 -11.15 3.62 12.23
C GLY A 38 -9.71 3.94 11.86
N GLN A 39 -9.42 4.06 10.57
N GLN A 39 -9.41 4.04 10.57
CA GLN A 39 -8.06 4.37 10.13
CA GLN A 39 -8.06 4.36 10.10
C GLN A 39 -7.90 5.89 9.95
C GLN A 39 -7.89 5.89 10.00
N PRO A 40 -6.67 6.37 9.67
CA PRO A 40 -6.44 7.82 9.81
C PRO A 40 -7.38 8.74 9.04
N ALA A 41 -7.76 8.41 7.81
CA ALA A 41 -8.64 9.29 7.07
C ALA A 41 -10.02 9.38 7.73
N ASP A 42 -10.54 8.26 8.23
CA ASP A 42 -11.81 8.25 8.92
C ASP A 42 -11.69 9.12 10.17
N ARG A 43 -10.61 8.90 10.92
CA ARG A 43 -10.43 9.63 12.17
C ARG A 43 -10.27 11.14 11.99
N CYS A 44 -9.67 11.57 10.87
CA CYS A 44 -9.44 13.01 10.69
C CYS A 44 -10.75 13.76 10.51
N GLY A 45 -11.77 13.06 10.00
CA GLY A 45 -13.10 13.63 9.90
C GLY A 45 -13.45 14.40 8.64
N GLY A 46 -12.46 14.82 7.87
CA GLY A 46 -12.71 15.72 6.74
C GLY A 46 -12.56 15.16 5.35
N LEU A 47 -12.30 13.86 5.24
CA LEU A 47 -12.11 13.20 3.93
C LEU A 47 -13.24 12.22 3.70
N HIS A 48 -13.80 12.24 2.49
CA HIS A 48 -14.98 11.43 2.22
C HIS A 48 -14.96 10.79 0.85
N VAL A 49 -15.70 9.68 0.73
CA VAL A 49 -15.84 9.03 -0.56
C VAL A 49 -16.38 10.01 -1.59
N GLY A 50 -15.76 10.02 -2.77
CA GLY A 50 -16.15 10.95 -3.80
C GLY A 50 -15.27 12.19 -3.87
N ASP A 51 -14.50 12.46 -2.81
CA ASP A 51 -13.54 13.55 -2.87
C ASP A 51 -12.45 13.28 -3.90
N ALA A 52 -12.14 14.29 -4.70
CA ALA A 52 -10.95 14.26 -5.54
C ALA A 52 -9.80 14.84 -4.74
N ILE A 53 -8.65 14.18 -4.80
CA ILE A 53 -7.47 14.68 -4.11
C ILE A 53 -6.68 15.55 -5.07
N LEU A 54 -6.71 16.85 -4.80
CA LEU A 54 -6.05 17.82 -5.66
C LEU A 54 -4.57 17.96 -5.34
N ALA A 55 -4.21 17.82 -4.07
CA ALA A 55 -2.83 17.96 -3.63
C ALA A 55 -2.65 17.34 -2.26
N VAL A 56 -1.42 16.91 -1.97
CA VAL A 56 -1.07 16.45 -0.64
C VAL A 56 0.27 17.06 -0.22
N ASN A 57 0.30 17.68 0.95
CA ASN A 57 1.49 18.41 1.41
C ASN A 57 2.07 19.30 0.31
N GLY A 58 1.18 19.96 -0.43
CA GLY A 58 1.59 20.90 -1.48
C GLY A 58 1.97 20.28 -2.81
N VAL A 59 1.93 18.95 -2.89
CA VAL A 59 2.23 18.26 -4.15
C VAL A 59 0.95 18.09 -4.98
N ASN A 60 0.91 18.75 -6.14
CA ASN A 60 -0.25 18.70 -7.01
C ASN A 60 -0.45 17.28 -7.54
N LEU A 61 -1.67 16.77 -7.40
CA LEU A 61 -2.00 15.45 -7.90
C LEU A 61 -3.03 15.49 -9.01
N ARG A 62 -3.31 16.68 -9.56
CA ARG A 62 -4.37 16.81 -10.55
C ARG A 62 -4.03 16.19 -11.91
N ASP A 63 -2.74 16.06 -12.22
CA ASP A 63 -2.33 15.50 -13.51
C ASP A 63 -1.48 14.26 -13.32
N THR A 64 -1.66 13.60 -12.19
CA THR A 64 -0.84 12.46 -11.86
C THR A 64 -1.52 11.17 -12.28
N LYS A 65 -0.73 10.24 -12.80
CA LYS A 65 -1.20 8.89 -13.07
C LYS A 65 -1.45 8.12 -11.76
N HIS A 66 -2.27 7.08 -11.86
CA HIS A 66 -2.67 6.35 -10.69
C HIS A 66 -1.48 5.94 -9.81
N LYS A 67 -0.49 5.25 -10.39
CA LYS A 67 0.61 4.73 -9.59
C LYS A 67 1.54 5.83 -9.11
N GLU A 68 1.63 6.93 -9.86
CA GLU A 68 2.38 8.07 -9.38
C GLU A 68 1.77 8.59 -8.07
N ALA A 69 0.45 8.70 -8.05
CA ALA A 69 -0.28 9.16 -6.88
C ALA A 69 -0.10 8.23 -5.69
N VAL A 70 -0.12 6.92 -5.94
CA VAL A 70 0.12 5.97 -4.85
C VAL A 70 1.48 6.21 -4.22
N THR A 71 2.51 6.35 -5.03
CA THR A 71 3.86 6.58 -4.50
C THR A 71 3.92 7.88 -3.68
N ILE A 72 3.40 8.96 -4.26
CA ILE A 72 3.40 10.22 -3.55
C ILE A 72 2.60 10.16 -2.25
N LEU A 73 1.38 9.65 -2.30
CA LEU A 73 0.55 9.58 -1.12
C LEU A 73 1.15 8.70 -0.02
N SER A 74 1.65 7.53 -0.37
CA SER A 74 2.22 6.61 0.62
C SER A 74 3.53 7.10 1.25
N GLN A 75 4.19 8.07 0.62
CA GLN A 75 5.44 8.63 1.15
C GLN A 75 5.18 9.60 2.30
N GLN A 76 3.96 10.12 2.39
CA GLN A 76 3.72 11.17 3.39
C GLN A 76 3.61 10.60 4.79
N ARG A 77 4.16 11.31 5.76
CA ARG A 77 4.17 10.86 7.15
C ARG A 77 3.66 11.92 8.10
N GLY A 78 3.07 11.47 9.21
CA GLY A 78 2.80 12.35 10.34
C GLY A 78 1.59 13.24 10.14
N GLU A 79 1.84 14.54 10.14
CA GLU A 79 0.80 15.53 9.94
C GLU A 79 0.73 15.87 8.47
N ILE A 80 -0.34 15.46 7.82
CA ILE A 80 -0.41 15.51 6.36
C ILE A 80 -1.57 16.39 5.92
N GLU A 81 -1.29 17.37 5.07
N GLU A 81 -1.27 17.39 5.10
CA GLU A 81 -2.31 18.33 4.63
CA GLU A 81 -2.30 18.26 4.58
C GLU A 81 -2.84 18.03 3.23
C GLU A 81 -2.83 17.73 3.26
N PHE A 82 -4.15 17.78 3.11
CA PHE A 82 -4.79 17.45 1.85
C PHE A 82 -5.55 18.65 1.33
N GLU A 83 -5.55 18.79 0.02
CA GLU A 83 -6.46 19.71 -0.63
C GLU A 83 -7.41 18.85 -1.45
N VAL A 84 -8.70 18.96 -1.16
CA VAL A 84 -9.69 18.07 -1.77
C VAL A 84 -10.94 18.82 -2.22
N VAL A 85 -11.70 18.19 -3.10
CA VAL A 85 -12.97 18.76 -3.51
C VAL A 85 -13.95 17.65 -3.84
N TYR A 86 -15.17 17.80 -3.38
CA TYR A 86 -16.23 16.89 -3.75
C TYR A 86 -17.01 17.43 -4.93
N VAL A 87 -17.08 16.64 -6.00
CA VAL A 87 -17.83 17.04 -7.19
C VAL A 87 -19.03 16.12 -7.42
N GLY B 1 -8.97 -6.35 7.31
CA GLY B 1 -8.12 -5.65 8.24
C GLY B 1 -7.52 -4.41 7.60
N PRO B 2 -6.86 -3.57 8.42
CA PRO B 2 -6.25 -2.32 7.97
C PRO B 2 -4.83 -2.54 7.47
N ILE B 3 -4.34 -1.59 6.67
CA ILE B 3 -2.93 -1.60 6.32
C ILE B 3 -2.07 -1.48 7.57
N ARG B 4 -1.01 -2.29 7.62
CA ARG B 4 0.01 -2.18 8.67
C ARG B 4 1.36 -1.97 7.99
N LYS B 5 2.23 -1.18 8.61
CA LYS B 5 3.62 -1.13 8.20
C LYS B 5 4.45 -1.79 9.28
N VAL B 6 5.23 -2.77 8.86
CA VAL B 6 5.90 -3.69 9.75
C VAL B 6 7.38 -3.68 9.43
N LEU B 7 8.21 -3.50 10.44
CA LEU B 7 9.64 -3.59 10.26
C LEU B 7 10.16 -5.00 10.49
N LEU B 8 11.04 -5.41 9.57
CA LEU B 8 11.70 -6.70 9.65
C LEU B 8 13.19 -6.42 9.61
N LEU B 9 13.94 -6.97 10.57
CA LEU B 9 15.38 -6.82 10.58
C LEU B 9 16.04 -8.03 9.94
N LYS B 10 16.85 -7.79 8.91
CA LYS B 10 17.53 -8.85 8.19
C LYS B 10 19.03 -8.67 8.36
N GLU B 11 19.71 -9.70 8.84
CA GLU B 11 21.17 -9.67 8.83
C GLU B 11 21.60 -10.06 7.42
N ASP B 12 22.68 -9.45 6.93
CA ASP B 12 23.07 -9.61 5.52
C ASP B 12 23.11 -11.06 5.02
N HIS B 13 23.44 -11.99 5.92
CA HIS B 13 23.68 -13.37 5.52
C HIS B 13 22.43 -14.25 5.52
N GLU B 14 21.33 -13.72 6.04
CA GLU B 14 20.13 -14.53 6.27
C GLU B 14 18.97 -14.18 5.35
N GLY B 15 18.09 -15.15 5.13
CA GLY B 15 16.85 -14.91 4.42
C GLY B 15 15.78 -14.49 5.39
N LEU B 16 14.73 -13.87 4.87
CA LEU B 16 13.64 -13.36 5.71
C LEU B 16 12.76 -14.48 6.26
N GLY B 17 12.69 -15.59 5.54
CA GLY B 17 11.88 -16.71 5.97
C GLY B 17 10.44 -16.47 5.60
N ILE B 18 10.20 -16.14 4.34
CA ILE B 18 8.85 -15.92 3.84
C ILE B 18 8.72 -16.62 2.50
N SER B 19 7.66 -17.41 2.33
CA SER B 19 7.30 -17.91 1.02
C SER B 19 6.26 -16.98 0.41
N ILE B 20 6.43 -16.72 -0.88
CA ILE B 20 5.68 -15.74 -1.63
C ILE B 20 4.97 -16.40 -2.80
N THR B 21 3.73 -16.01 -3.04
CA THR B 21 3.01 -16.50 -4.22
C THR B 21 2.18 -15.36 -4.78
N GLY B 22 1.42 -15.61 -5.83
CA GLY B 22 0.56 -14.59 -6.42
C GLY B 22 1.33 -13.63 -7.29
N GLY B 23 0.74 -12.48 -7.56
CA GLY B 23 1.33 -11.51 -8.46
C GLY B 23 0.41 -11.12 -9.59
N LYS B 24 0.79 -10.06 -10.28
CA LYS B 24 -0.02 -9.46 -11.34
C LYS B 24 -0.50 -10.47 -12.38
N GLU B 25 0.34 -11.43 -12.74
CA GLU B 25 -0.03 -12.36 -13.80
C GLU B 25 -1.15 -13.31 -13.39
N HIS B 26 -1.48 -13.35 -12.10
CA HIS B 26 -2.61 -14.14 -11.65
C HIS B 26 -3.75 -13.29 -11.10
N GLY B 27 -3.67 -11.99 -11.35
CA GLY B 27 -4.71 -11.06 -10.93
C GLY B 27 -4.93 -10.96 -9.43
N VAL B 28 -3.87 -11.24 -8.66
CA VAL B 28 -3.94 -11.16 -7.21
C VAL B 28 -2.68 -10.47 -6.69
N PRO B 29 -2.70 -10.04 -5.43
CA PRO B 29 -1.50 -9.40 -4.87
C PRO B 29 -0.33 -10.36 -4.74
N ILE B 30 0.83 -9.81 -4.41
CA ILE B 30 1.94 -10.59 -3.88
C ILE B 30 1.50 -11.05 -2.49
N LEU B 31 1.43 -12.36 -2.29
CA LEU B 31 0.84 -12.93 -1.07
C LEU B 31 1.86 -13.73 -0.29
N ILE B 32 1.80 -13.63 1.03
CA ILE B 32 2.57 -14.51 1.89
C ILE B 32 1.86 -15.86 2.01
N SER B 33 2.56 -16.92 1.63
CA SER B 33 1.98 -18.26 1.74
C SER B 33 2.58 -19.09 2.89
N GLU B 34 3.74 -18.68 3.39
CA GLU B 34 4.37 -19.34 4.53
C GLU B 34 5.25 -18.38 5.30
N ILE B 35 5.26 -18.54 6.63
CA ILE B 35 6.16 -17.83 7.51
C ILE B 35 7.00 -18.91 8.19
N HIS B 36 8.29 -18.93 7.88
CA HIS B 36 9.18 -19.98 8.37
C HIS B 36 9.58 -19.74 9.83
N PRO B 37 9.30 -20.73 10.69
CA PRO B 37 9.54 -20.58 12.13
C PRO B 37 10.99 -20.21 12.47
N GLY B 38 11.13 -19.27 13.40
CA GLY B 38 12.43 -18.89 13.93
C GLY B 38 13.16 -17.86 13.11
N GLN B 39 12.73 -17.68 11.86
CA GLN B 39 13.42 -16.76 10.98
C GLN B 39 12.88 -15.35 11.16
N PRO B 40 13.55 -14.35 10.59
CA PRO B 40 13.21 -12.94 10.85
C PRO B 40 11.73 -12.60 10.75
N ALA B 41 11.06 -13.02 9.67
CA ALA B 41 9.64 -12.70 9.51
C ALA B 41 8.82 -13.22 10.68
N ASP B 42 9.10 -14.46 11.08
CA ASP B 42 8.44 -15.03 12.24
C ASP B 42 8.82 -14.21 13.47
N ARG B 43 10.10 -13.86 13.56
CA ARG B 43 10.63 -13.11 14.71
C ARG B 43 9.85 -11.82 14.99
N CYS B 44 9.58 -11.06 13.94
CA CYS B 44 8.94 -9.75 14.09
C CYS B 44 7.49 -9.85 14.54
N GLY B 45 6.84 -10.98 14.25
CA GLY B 45 5.50 -11.25 14.72
C GLY B 45 4.41 -10.38 14.12
N GLY B 46 4.72 -9.68 13.04
CA GLY B 46 3.75 -8.79 12.42
C GLY B 46 3.37 -9.16 11.00
N LEU B 47 3.88 -10.30 10.52
CA LEU B 47 3.61 -10.77 9.16
C LEU B 47 2.99 -12.16 9.23
N HIS B 48 1.92 -12.37 8.48
CA HIS B 48 1.16 -13.61 8.59
C HIS B 48 0.75 -14.18 7.24
N VAL B 49 0.57 -15.51 7.20
CA VAL B 49 0.07 -16.16 6.00
C VAL B 49 -1.23 -15.53 5.57
N GLY B 50 -1.35 -15.22 4.29
CA GLY B 50 -2.52 -14.55 3.77
C GLY B 50 -2.36 -13.05 3.62
N ASP B 51 -1.37 -12.46 4.27
CA ASP B 51 -1.07 -11.04 4.07
C ASP B 51 -0.69 -10.76 2.63
N ALA B 52 -1.20 -9.65 2.12
CA ALA B 52 -0.78 -9.11 0.84
C ALA B 52 0.32 -8.11 1.10
N ILE B 53 1.43 -8.23 0.36
CA ILE B 53 2.50 -7.25 0.44
C ILE B 53 2.22 -6.18 -0.61
N LEU B 54 1.77 -5.03 -0.15
CA LEU B 54 1.45 -3.91 -1.01
C LEU B 54 2.69 -3.13 -1.45
N ALA B 55 3.65 -3.02 -0.56
CA ALA B 55 4.88 -2.27 -0.87
C ALA B 55 5.97 -2.74 0.06
N VAL B 56 7.21 -2.55 -0.36
CA VAL B 56 8.36 -2.80 0.50
C VAL B 56 9.32 -1.62 0.37
N ASN B 57 9.69 -1.03 1.51
CA ASN B 57 10.53 0.17 1.53
C ASN B 57 10.11 1.19 0.47
N GLY B 58 8.79 1.39 0.32
CA GLY B 58 8.28 2.41 -0.56
C GLY B 58 8.29 2.04 -2.03
N VAL B 59 8.56 0.77 -2.32
CA VAL B 59 8.39 0.25 -3.67
C VAL B 59 7.00 -0.36 -3.78
N ASN B 60 6.14 0.24 -4.59
CA ASN B 60 4.78 -0.23 -4.76
C ASN B 60 4.76 -1.53 -5.54
N LEU B 61 4.24 -2.58 -4.92
CA LEU B 61 4.17 -3.91 -5.55
C LEU B 61 2.73 -4.33 -5.84
N ARG B 62 1.80 -3.37 -5.86
CA ARG B 62 0.39 -3.68 -6.12
C ARG B 62 0.15 -4.13 -7.55
N ASP B 63 1.04 -3.79 -8.45
CA ASP B 63 0.80 -4.13 -9.86
C ASP B 63 2.07 -4.63 -10.52
N THR B 64 2.69 -5.58 -9.86
CA THR B 64 3.98 -6.11 -10.30
C THR B 64 3.87 -7.63 -10.42
N LYS B 65 4.52 -8.20 -11.43
CA LYS B 65 4.54 -9.66 -11.58
C LYS B 65 5.37 -10.31 -10.49
N HIS B 66 5.09 -11.58 -10.24
CA HIS B 66 5.76 -12.35 -9.19
C HIS B 66 7.28 -12.22 -9.20
N LYS B 67 7.90 -12.51 -10.34
CA LYS B 67 9.36 -12.58 -10.40
C LYS B 67 10.02 -11.26 -10.04
N GLU B 68 9.51 -10.17 -10.62
CA GLU B 68 10.05 -8.85 -10.38
C GLU B 68 9.84 -8.44 -8.93
N ALA B 69 8.68 -8.75 -8.37
CA ALA B 69 8.43 -8.42 -6.97
C ALA B 69 9.43 -9.15 -6.07
N VAL B 70 9.60 -10.45 -6.32
CA VAL B 70 10.54 -11.24 -5.56
C VAL B 70 11.97 -10.68 -5.67
N THR B 71 12.37 -10.29 -6.87
CA THR B 71 13.70 -9.69 -7.03
C THR B 71 13.85 -8.42 -6.17
N ILE B 72 12.88 -7.51 -6.24
CA ILE B 72 12.90 -6.30 -5.40
C ILE B 72 12.97 -6.64 -3.92
N LEU B 73 12.12 -7.56 -3.49
CA LEU B 73 12.12 -7.97 -2.10
C LEU B 73 13.48 -8.47 -1.65
N SER B 74 14.09 -9.29 -2.51
N SER B 74 14.11 -9.28 -2.50
CA SER B 74 15.38 -9.92 -2.20
CA SER B 74 15.39 -9.90 -2.14
C SER B 74 16.51 -8.90 -2.05
C SER B 74 16.60 -8.97 -2.19
N GLN B 75 16.40 -7.77 -2.73
CA GLN B 75 17.45 -6.76 -2.73
C GLN B 75 17.45 -5.89 -1.50
N GLN B 76 16.40 -5.98 -0.68
CA GLN B 76 16.30 -5.11 0.48
C GLN B 76 17.25 -5.57 1.58
N ARG B 77 17.76 -4.62 2.35
N ARG B 77 17.76 -4.62 2.36
CA ARG B 77 18.77 -4.90 3.37
CA ARG B 77 18.76 -4.94 3.37
C ARG B 77 18.41 -4.22 4.69
C ARG B 77 18.49 -4.19 4.67
N GLY B 78 18.98 -4.74 5.77
CA GLY B 78 18.84 -4.10 7.07
C GLY B 78 17.42 -4.15 7.60
N GLU B 79 16.97 -3.01 8.11
CA GLU B 79 15.62 -2.89 8.66
C GLU B 79 14.68 -2.52 7.52
N ILE B 80 13.79 -3.45 7.19
CA ILE B 80 13.00 -3.38 5.97
C ILE B 80 11.53 -3.14 6.32
N GLU B 81 10.91 -2.13 5.70
CA GLU B 81 9.51 -1.83 5.97
C GLU B 81 8.58 -2.51 4.98
N PHE B 82 7.72 -3.39 5.48
CA PHE B 82 6.68 -4.04 4.69
C PHE B 82 5.36 -3.33 4.92
N GLU B 83 4.69 -2.94 3.84
CA GLU B 83 3.34 -2.40 3.92
C GLU B 83 2.41 -3.54 3.52
N VAL B 84 1.62 -4.04 4.46
CA VAL B 84 0.82 -5.25 4.26
C VAL B 84 -0.62 -5.03 4.63
N VAL B 85 -1.49 -5.87 4.09
CA VAL B 85 -2.89 -5.86 4.51
C VAL B 85 -3.45 -7.27 4.46
N TYR B 86 -4.26 -7.61 5.45
CA TYR B 86 -4.98 -8.86 5.50
C TYR B 86 -6.42 -8.44 5.24
N VAL B 87 -6.84 -8.54 3.99
CA VAL B 87 -8.18 -8.10 3.60
C VAL B 87 -9.27 -9.00 4.17
N ALA C 1 -19.94 -3.83 -9.55
CA ALA C 1 -19.81 -2.64 -10.39
C ALA C 1 -18.68 -2.79 -11.40
N ASN C 2 -18.54 -1.80 -12.28
CA ASN C 2 -17.49 -1.80 -13.29
C ASN C 2 -16.10 -1.67 -12.66
N SER C 3 -15.12 -2.37 -13.22
CA SER C 3 -13.76 -2.36 -12.68
C SER C 3 -12.72 -2.01 -13.75
N ARG C 4 -13.02 -0.99 -14.56
CA ARG C 4 -12.14 -0.61 -15.65
C ARG C 4 -10.98 0.28 -15.18
N TRP C 5 -11.22 1.09 -14.14
CA TRP C 5 -10.15 1.85 -13.50
C TRP C 5 -9.55 1.00 -12.39
N PRO C 6 -8.26 1.21 -12.09
CA PRO C 6 -7.63 0.53 -10.96
C PRO C 6 -8.05 1.15 -9.63
N THR C 7 -8.01 0.34 -8.58
CA THR C 7 -8.23 0.82 -7.23
C THR C 7 -7.04 0.37 -6.41
N SER C 8 -6.49 1.28 -5.60
CA SER C 8 -5.40 0.92 -4.69
C SER C 8 -5.80 1.27 -3.27
N ILE C 9 -5.53 0.35 -2.35
CA ILE C 9 -5.72 0.56 -0.92
C ILE C 9 -4.42 1.14 -0.37
N ILE C 10 -4.50 2.28 0.30
CA ILE C 10 -3.31 3.00 0.74
C ILE C 10 -3.49 3.60 2.13
N ALA D 1 -4.80 -18.87 -1.85
CA ALA D 1 -3.87 -18.96 -2.97
C ALA D 1 -3.99 -20.29 -3.72
N ASN D 2 -3.81 -20.23 -5.02
CA ASN D 2 -3.88 -21.41 -5.87
C ASN D 2 -2.52 -22.12 -5.94
N SER D 3 -2.51 -23.41 -5.64
CA SER D 3 -1.27 -24.18 -5.61
C SER D 3 -0.51 -24.16 -6.93
N ARG D 4 -1.20 -23.88 -8.04
CA ARG D 4 -0.52 -23.87 -9.33
C ARG D 4 0.30 -22.60 -9.56
N TRP D 5 0.01 -21.54 -8.82
CA TRP D 5 0.78 -20.31 -8.90
C TRP D 5 2.19 -20.63 -8.40
N PRO D 6 3.22 -20.10 -9.07
CA PRO D 6 4.60 -20.26 -8.59
C PRO D 6 4.80 -19.77 -7.15
N THR D 7 5.75 -20.42 -6.47
CA THR D 7 6.16 -20.04 -5.13
C THR D 7 7.66 -19.69 -5.11
N SER D 8 7.99 -18.61 -4.42
CA SER D 8 9.36 -18.21 -4.19
C SER D 8 9.58 -18.12 -2.71
N ILE D 9 10.85 -18.16 -2.32
CA ILE D 9 11.21 -17.93 -0.93
C ILE D 9 12.20 -16.79 -0.85
N ILE D 10 12.00 -15.91 0.12
CA ILE D 10 12.90 -14.78 0.35
C ILE D 10 13.34 -14.77 1.80
C1 GOL E . 5.75 0.09 -13.73
O1 GOL E . 6.85 -0.36 -14.49
C2 GOL E . 6.21 1.17 -12.76
O2 GOL E . 5.08 1.55 -12.01
C3 GOL E . 7.24 0.55 -11.80
O3 GOL E . 6.70 -0.62 -11.18
C1 GOL F . 4.14 13.01 -14.35
O1 GOL F . 2.80 13.08 -13.92
C2 GOL F . 4.20 12.55 -15.81
O2 GOL F . 3.70 11.24 -15.95
C3 GOL F . 5.64 12.63 -16.29
O3 GOL F . 5.71 12.30 -17.66
C1 GOL G . -8.61 -3.35 3.47
O1 GOL G . -9.95 -3.45 3.02
C2 GOL G . -8.42 -2.02 4.19
O2 GOL G . -8.99 -2.09 5.47
C3 GOL G . -6.94 -1.72 4.30
O3 GOL G . -6.74 -0.49 4.97
#